data_3DWI
#
_entry.id   3DWI
#
_cell.length_a   72.361
_cell.length_b   85.351
_cell.length_c   98.916
_cell.angle_alpha   90.00
_cell.angle_beta   90.00
_cell.angle_gamma   90.00
#
_symmetry.space_group_name_H-M   'P 21 21 21'
#
loop_
_entity.id
_entity.type
_entity.pdbx_description
1 polymer 'Cysteine synthase B'
2 non-polymer 'SULFATE ION'
3 non-polymer "PYRIDOXAL-5'-PHOSPHATE"
4 water water
#
_entity_poly.entity_id   1
_entity_poly.type   'polypeptide(L)'
_entity_poly.pdbx_seq_one_letter_code
;MTRYDSLLQALGNTPLVGLQRLSPRWDDGRDGPHVRLWAKLEDRNPTGSIKDRPAVRMIEQAEADGLLRPGATILEPTSG
NTGISLAMAARLKGYRLICVMPENTSVERRQLLELYGAQIIFSAAEGGSNTAVATAKELAATNPSWVMLYQYGNPANTDS
HYCGTGPELLADLPEITHFVAGLGTTGTLMGTGRFLREHVANVAIVAAEPRYGEGVYALRNMDEGFVPELYDPEILTARY
SVGAVDAVRRTRELVHTEGIFAGISTGAVLHAALGVGAGALAAGERADIALVVADAGWKYLSTGAYAGSLDDAETALEGQ
LWA
;
_entity_poly.pdbx_strand_id   A,B
#
# COMPACT_ATOMS: atom_id res chain seq x y z
N MET A 1 7.47 -18.63 -1.55
CA MET A 1 7.71 -17.97 -2.87
C MET A 1 7.32 -16.47 -2.94
N THR A 2 6.09 -16.13 -2.56
CA THR A 2 5.85 -14.80 -1.96
C THR A 2 5.34 -15.06 -0.54
N ARG A 3 6.02 -15.95 0.17
CA ARG A 3 5.70 -16.19 1.56
C ARG A 3 6.84 -15.76 2.47
N TYR A 4 6.62 -14.81 3.36
CA TYR A 4 7.65 -14.26 4.25
C TYR A 4 7.37 -14.54 5.72
N ASP A 5 8.41 -14.78 6.50
CA ASP A 5 8.19 -15.05 7.90
C ASP A 5 8.01 -13.72 8.64
N SER A 6 8.68 -12.71 8.11
CA SER A 6 8.61 -11.37 8.66
C SER A 6 8.18 -10.44 7.53
N LEU A 7 7.42 -9.40 7.89
CA LEU A 7 7.20 -8.26 7.00
C LEU A 7 8.52 -7.76 6.44
N LEU A 8 9.59 -7.77 7.23
CA LEU A 8 10.92 -7.33 6.75
C LEU A 8 11.38 -8.02 5.50
N GLN A 9 11.02 -9.29 5.31
CA GLN A 9 11.42 -9.94 4.09
C GLN A 9 10.69 -9.37 2.90
N ALA A 10 9.53 -8.79 3.16
CA ALA A 10 8.66 -8.18 2.14
C ALA A 10 9.12 -6.76 1.72
N LEU A 11 10.42 -6.55 1.83
CA LEU A 11 11.05 -5.27 1.61
C LEU A 11 11.71 -5.23 0.25
N GLY A 12 11.56 -4.11 -0.43
CA GLY A 12 12.10 -4.00 -1.76
C GLY A 12 11.41 -4.93 -2.72
N ASN A 13 12.13 -5.24 -3.79
CA ASN A 13 11.54 -5.91 -4.91
C ASN A 13 10.23 -5.28 -5.27
N THR A 14 10.21 -3.98 -5.25
CA THR A 14 9.00 -3.24 -5.50
C THR A 14 8.80 -3.22 -6.99
N PRO A 15 7.53 -3.21 -7.43
CA PRO A 15 7.31 -3.33 -8.87
C PRO A 15 7.74 -2.07 -9.61
N LEU A 16 8.18 -2.24 -10.85
CA LEU A 16 8.49 -1.11 -11.70
C LEU A 16 7.43 -1.18 -12.74
N VAL A 17 6.52 -0.21 -12.76
CA VAL A 17 5.41 -0.24 -13.75
C VAL A 17 5.48 0.89 -14.77
N GLY A 18 5.27 0.53 -16.02
CA GLY A 18 5.33 1.48 -17.10
C GLY A 18 4.13 2.37 -17.05
N LEU A 19 4.37 3.65 -17.32
CA LEU A 19 3.27 4.60 -17.33
C LEU A 19 2.92 4.83 -18.77
N GLN A 20 2.18 3.89 -19.35
CA GLN A 20 1.91 3.98 -20.82
C GLN A 20 1.19 5.28 -21.20
N ARG A 21 0.28 5.74 -20.35
CA ARG A 21 -0.52 6.91 -20.66
C ARG A 21 0.21 8.19 -20.39
N LEU A 22 1.07 8.18 -19.38
CA LEU A 22 1.87 9.36 -19.02
C LEU A 22 3.16 9.52 -19.81
N SER A 23 3.71 8.42 -20.32
CA SER A 23 4.94 8.50 -21.02
C SER A 23 4.72 9.35 -22.24
N PRO A 24 5.56 10.38 -22.40
CA PRO A 24 5.70 11.13 -23.64
C PRO A 24 5.46 10.24 -24.88
N ARG A 25 6.11 9.09 -25.00
CA ARG A 25 5.82 8.21 -26.12
C ARG A 25 6.15 6.80 -25.69
N TRP A 26 5.08 6.07 -25.36
CA TRP A 26 5.22 4.68 -24.96
C TRP A 26 5.75 3.70 -26.01
N ASP A 27 5.31 3.83 -27.24
CA ASP A 27 5.76 2.90 -28.28
C ASP A 27 6.72 3.64 -29.17
N ASP A 28 7.81 2.98 -29.59
CA ASP A 28 8.66 3.52 -30.66
C ASP A 28 7.80 3.64 -31.92
N GLY A 29 7.92 4.76 -32.62
CA GLY A 29 7.10 4.94 -33.81
C GLY A 29 7.82 5.56 -34.98
N ARG A 30 7.01 5.80 -36.03
CA ARG A 30 7.40 6.60 -37.19
C ARG A 30 7.79 8.02 -36.72
N ASP A 31 7.09 8.48 -35.68
CA ASP A 31 7.35 9.80 -35.13
C ASP A 31 8.58 9.83 -34.18
N GLY A 32 9.35 8.73 -34.11
CA GLY A 32 10.57 8.68 -33.27
C GLY A 32 10.63 7.52 -32.24
N PRO A 33 11.75 7.43 -31.50
CA PRO A 33 11.85 6.32 -30.55
C PRO A 33 11.10 6.60 -29.23
N HIS A 34 10.70 5.52 -28.54
CA HIS A 34 9.94 5.61 -27.30
C HIS A 34 10.60 6.42 -26.19
N VAL A 35 9.74 7.15 -25.47
CA VAL A 35 10.15 7.83 -24.25
C VAL A 35 9.23 7.32 -23.13
N ARG A 36 9.76 6.42 -22.33
CA ARG A 36 8.96 5.69 -21.36
C ARG A 36 9.26 6.03 -19.93
N LEU A 37 8.19 6.33 -19.20
CA LEU A 37 8.28 6.52 -17.76
C LEU A 37 7.98 5.18 -17.11
N TRP A 38 8.85 4.80 -16.20
CA TRP A 38 8.60 3.64 -15.44
C TRP A 38 8.65 4.04 -14.02
N ALA A 39 7.58 3.80 -13.30
CA ALA A 39 7.50 4.17 -11.92
C ALA A 39 7.94 3.01 -11.01
N LYS A 40 8.95 3.24 -10.18
CA LYS A 40 9.36 2.25 -9.22
C LYS A 40 8.52 2.44 -7.98
N LEU A 41 7.54 1.60 -7.82
CA LEU A 41 6.55 1.68 -6.78
C LEU A 41 7.08 1.30 -5.40
N GLU A 42 7.79 2.23 -4.79
CA GLU A 42 8.33 2.03 -3.47
C GLU A 42 7.32 2.04 -2.34
N ASP A 43 6.07 2.44 -2.63
CA ASP A 43 5.00 2.37 -1.64
C ASP A 43 4.60 0.93 -1.30
N ARG A 44 4.93 0.01 -2.22
CA ARG A 44 4.70 -1.41 -2.03
C ARG A 44 5.58 -1.98 -0.95
N ASN A 45 6.23 -1.11 -0.21
CA ASN A 45 7.07 -1.54 0.92
C ASN A 45 6.27 -1.64 2.16
N PRO A 46 6.77 -2.46 3.12
CA PRO A 46 6.16 -2.70 4.43
C PRO A 46 5.37 -1.51 4.93
N THR A 47 6.02 -0.44 5.35
CA THR A 47 5.28 0.71 5.81
C THR A 47 4.70 1.56 4.70
N GLY A 48 4.97 1.22 3.45
CA GLY A 48 4.41 1.95 2.34
C GLY A 48 5.21 3.15 1.89
N SER A 49 6.53 3.06 2.12
CA SER A 49 7.43 4.12 1.67
C SER A 49 8.81 3.58 1.39
N ILE A 50 9.52 4.25 0.48
CA ILE A 50 10.90 3.93 0.14
C ILE A 50 11.76 3.69 1.40
N LYS A 51 11.42 4.30 2.52
CA LYS A 51 12.40 4.41 3.60
C LYS A 51 12.62 3.09 4.32
N ASP A 52 11.77 2.11 4.04
CA ASP A 52 11.92 0.83 4.65
C ASP A 52 13.29 0.36 4.24
N ARG A 53 13.66 0.60 3.00
CA ARG A 53 14.97 0.26 2.58
C ARG A 53 16.07 0.86 3.46
N PRO A 54 16.21 2.21 3.55
CA PRO A 54 17.23 2.72 4.42
C PRO A 54 17.06 2.27 5.84
N ALA A 55 15.81 2.24 6.33
CA ALA A 55 15.55 1.96 7.75
C ALA A 55 16.11 0.61 8.08
N VAL A 56 15.73 -0.40 7.30
CA VAL A 56 16.22 -1.74 7.55
C VAL A 56 17.74 -1.81 7.42
N ARG A 57 18.29 -1.21 6.36
CA ARG A 57 19.72 -1.22 6.16
C ARG A 57 20.46 -0.54 7.31
N MET A 58 19.95 0.61 7.75
CA MET A 58 20.55 1.34 8.84
C MET A 58 20.65 0.49 10.05
N ILE A 59 19.54 -0.14 10.39
CA ILE A 59 19.48 -1.06 11.49
C ILE A 59 20.44 -2.21 11.24
N GLU A 60 20.26 -2.96 10.18
CA GLU A 60 21.18 -4.07 9.93
C GLU A 60 22.65 -3.67 9.99
N GLN A 61 23.00 -2.54 9.39
CA GLN A 61 24.36 -2.10 9.44
C GLN A 61 24.74 -1.81 10.88
N ALA A 62 23.82 -1.24 11.66
CA ALA A 62 24.17 -0.92 13.05
C ALA A 62 24.39 -2.24 13.79
N GLU A 63 23.57 -3.24 13.46
CA GLU A 63 23.76 -4.54 14.02
C GLU A 63 25.12 -4.99 13.62
N ALA A 64 25.46 -4.90 12.35
CA ALA A 64 26.78 -5.35 11.90
C ALA A 64 27.92 -4.61 12.56
N ASP A 65 27.83 -3.28 12.66
CA ASP A 65 28.92 -2.50 13.22
C ASP A 65 28.97 -2.71 14.73
N GLY A 66 28.08 -3.59 15.21
CA GLY A 66 27.99 -3.97 16.61
C GLY A 66 27.48 -2.81 17.42
N LEU A 67 27.06 -1.75 16.72
CA LEU A 67 26.48 -0.57 17.36
C LEU A 67 25.15 -0.93 18.08
N LEU A 68 24.59 -2.12 17.81
CA LEU A 68 23.18 -2.36 18.12
C LEU A 68 22.87 -3.74 18.73
N ARG A 69 22.90 -3.81 20.08
CA ARG A 69 22.64 -5.06 20.83
C ARG A 69 21.15 -5.19 21.14
N PRO A 70 20.62 -6.44 21.12
CA PRO A 70 19.18 -6.79 21.39
C PRO A 70 18.40 -5.92 22.40
N GLY A 71 17.24 -5.41 22.01
CA GLY A 71 16.47 -4.52 22.86
C GLY A 71 17.01 -3.10 23.07
N ALA A 72 18.05 -2.72 22.33
CA ALA A 72 18.59 -1.36 22.42
C ALA A 72 17.54 -0.39 21.89
N THR A 73 17.69 0.87 22.17
CA THR A 73 16.79 1.83 21.62
C THR A 73 17.49 2.64 20.50
N ILE A 74 16.78 2.78 19.39
CA ILE A 74 17.22 3.53 18.27
C ILE A 74 16.63 4.88 18.52
N LEU A 75 17.47 5.90 18.36
CA LEU A 75 17.03 7.28 18.53
C LEU A 75 17.15 7.89 17.15
N GLU A 76 16.06 8.48 16.67
CA GLU A 76 16.09 9.03 15.33
C GLU A 76 15.32 10.32 15.23
N PRO A 77 15.97 11.40 14.75
CA PRO A 77 15.25 12.67 14.58
C PRO A 77 14.43 12.64 13.29
N THR A 78 13.17 12.24 13.41
CA THR A 78 12.27 12.10 12.25
C THR A 78 10.86 12.15 12.75
N SER A 79 9.95 12.55 11.87
CA SER A 79 8.52 12.54 12.20
C SER A 79 7.72 11.87 11.08
N GLY A 80 8.41 11.45 10.02
CA GLY A 80 7.71 10.95 8.88
C GLY A 80 8.14 9.55 8.54
N ASN A 81 8.37 9.29 7.25
CA ASN A 81 8.40 7.94 6.77
C ASN A 81 9.54 7.19 7.34
N THR A 82 10.61 7.91 7.60
CA THR A 82 11.79 7.24 8.11
C THR A 82 11.46 6.69 9.49
N GLY A 83 10.74 7.50 10.25
CA GLY A 83 10.25 7.12 11.53
C GLY A 83 9.34 5.94 11.46
N ILE A 84 8.37 6.00 10.56
CA ILE A 84 7.47 4.88 10.36
C ILE A 84 8.30 3.70 10.02
N SER A 85 9.16 3.87 9.04
CA SER A 85 9.93 2.75 8.53
C SER A 85 10.70 2.13 9.68
N LEU A 86 11.51 2.94 10.35
CA LEU A 86 12.19 2.50 11.53
C LEU A 86 11.28 1.96 12.64
N ALA A 87 10.14 2.59 12.89
CA ALA A 87 9.28 2.04 13.89
C ALA A 87 8.98 0.61 13.54
N MET A 88 8.46 0.34 12.34
CA MET A 88 8.24 -1.08 12.04
C MET A 88 9.51 -1.90 11.98
N ALA A 89 10.59 -1.35 11.42
CA ALA A 89 11.87 -2.06 11.30
C ALA A 89 12.44 -2.40 12.66
N ALA A 90 12.50 -1.40 13.53
CA ALA A 90 13.06 -1.58 14.86
C ALA A 90 12.30 -2.63 15.63
N ARG A 91 11.04 -2.38 15.88
CA ARG A 91 10.17 -3.28 16.58
C ARG A 91 10.26 -4.70 16.00
N LEU A 92 10.11 -4.84 14.70
CA LEU A 92 10.23 -6.17 14.18
C LEU A 92 11.59 -6.80 14.49
N LYS A 93 12.64 -5.97 14.57
CA LYS A 93 13.97 -6.47 14.82
C LYS A 93 14.30 -6.60 16.30
N GLY A 94 13.29 -6.44 17.17
CA GLY A 94 13.51 -6.44 18.61
C GLY A 94 14.00 -5.13 19.22
N TYR A 95 14.01 -4.03 18.47
CA TYR A 95 14.49 -2.78 19.03
C TYR A 95 13.36 -1.89 19.47
N ARG A 96 13.67 -0.89 20.29
CA ARG A 96 12.72 0.18 20.56
C ARG A 96 13.18 1.36 19.77
N LEU A 97 12.25 2.24 19.41
CA LEU A 97 12.61 3.37 18.66
C LEU A 97 12.04 4.54 19.37
N ILE A 98 12.85 5.56 19.52
CA ILE A 98 12.36 6.85 19.90
C ILE A 98 12.57 7.82 18.76
N CYS A 99 11.55 8.56 18.41
CA CYS A 99 11.68 9.60 17.43
C CYS A 99 11.77 10.95 18.11
N VAL A 100 12.78 11.71 17.76
CA VAL A 100 12.89 13.05 18.22
C VAL A 100 12.29 13.96 17.16
N MET A 101 11.38 14.82 17.58
CA MET A 101 10.69 15.67 16.66
C MET A 101 10.24 16.89 17.40
N PRO A 102 10.10 18.03 16.68
CA PRO A 102 9.70 19.27 17.33
C PRO A 102 8.29 19.17 18.01
N GLU A 103 8.14 19.88 19.14
CA GLU A 103 6.85 19.98 19.84
C GLU A 103 5.80 20.35 18.80
N ASN A 104 6.16 21.25 17.87
CA ASN A 104 5.26 21.69 16.79
C ASN A 104 4.61 20.55 16.04
N THR A 105 5.25 19.36 15.99
CA THR A 105 4.83 18.30 15.05
C THR A 105 3.35 17.97 15.08
N SER A 106 2.74 17.98 13.89
CA SER A 106 1.35 17.54 13.67
C SER A 106 0.97 16.27 14.44
N VAL A 107 -0.17 16.33 15.15
CA VAL A 107 -0.75 15.16 15.84
C VAL A 107 -0.75 13.96 14.92
N GLU A 108 -1.23 14.12 13.69
CA GLU A 108 -1.29 13.00 12.73
C GLU A 108 0.05 12.25 12.66
N ARG A 109 1.12 12.92 12.22
CA ARG A 109 2.45 12.35 12.17
C ARG A 109 2.79 11.56 13.41
N ARG A 110 2.69 12.19 14.56
CA ARG A 110 3.12 11.53 15.78
C ARG A 110 2.13 10.52 16.21
N GLN A 111 0.84 10.78 15.96
CA GLN A 111 -0.17 9.79 16.37
C GLN A 111 0.14 8.54 15.57
N LEU A 112 0.51 8.74 14.31
CA LEU A 112 1.00 7.68 13.46
C LEU A 112 2.19 6.89 14.04
N LEU A 113 3.27 7.61 14.36
CA LEU A 113 4.47 6.99 14.84
C LEU A 113 4.19 6.25 16.10
N GLU A 114 3.40 6.84 16.99
CA GLU A 114 3.02 6.19 18.24
C GLU A 114 2.32 4.86 17.92
N LEU A 115 1.44 4.90 16.91
CA LEU A 115 0.73 3.72 16.45
C LEU A 115 1.67 2.61 16.08
N TYR A 116 2.75 2.94 15.38
CA TYR A 116 3.73 1.98 14.94
C TYR A 116 4.72 1.61 16.04
N GLY A 117 4.50 2.15 17.21
CA GLY A 117 5.28 1.79 18.38
C GLY A 117 6.46 2.65 18.74
N ALA A 118 6.70 3.71 17.99
CA ALA A 118 7.80 4.58 18.33
C ALA A 118 7.43 5.36 19.55
N GLN A 119 8.45 5.61 20.37
CA GLN A 119 8.32 6.53 21.48
C GLN A 119 8.67 7.92 20.94
N ILE A 120 8.17 8.97 21.57
CA ILE A 120 8.44 10.27 21.04
C ILE A 120 9.05 11.14 22.10
N ILE A 121 10.09 11.87 21.69
CA ILE A 121 10.68 12.94 22.45
C ILE A 121 10.59 14.23 21.64
N PHE A 122 10.19 15.33 22.23
CA PHE A 122 10.04 16.53 21.44
C PHE A 122 11.26 17.48 21.40
N SER A 123 11.52 18.03 20.22
CA SER A 123 12.53 19.05 20.03
C SER A 123 11.80 20.32 20.41
N ALA A 124 12.13 21.44 19.79
CA ALA A 124 11.63 22.75 20.28
C ALA A 124 11.08 23.66 19.18
N GLY A 127 12.60 26.59 17.03
CA GLY A 127 13.22 26.29 15.74
C GLY A 127 12.46 25.16 15.09
N GLY A 128 13.03 24.60 14.01
CA GLY A 128 12.35 23.55 13.21
C GLY A 128 12.86 22.12 13.38
N SER A 129 13.13 21.47 12.24
CA SER A 129 13.67 20.08 12.16
C SER A 129 15.10 20.01 12.61
N ASN A 130 15.88 21.00 12.18
CA ASN A 130 17.29 21.06 12.52
C ASN A 130 17.54 20.87 14.01
N THR A 131 16.77 21.59 14.84
CA THR A 131 16.92 21.55 16.31
C THR A 131 16.65 20.13 16.82
N ALA A 132 15.69 19.45 16.15
CA ALA A 132 15.41 18.02 16.37
C ALA A 132 16.61 17.15 15.99
N VAL A 133 17.07 17.29 14.73
CA VAL A 133 18.30 16.64 14.27
C VAL A 133 19.44 16.99 15.23
N ALA A 134 19.48 18.26 15.66
CA ALA A 134 20.38 18.78 16.70
C ALA A 134 20.00 18.34 18.13
N THR A 135 18.72 18.41 18.50
CA THR A 135 18.29 17.84 19.77
C THR A 135 18.73 16.35 19.77
N ALA A 136 18.33 15.62 18.74
CA ALA A 136 18.65 14.21 18.64
C ALA A 136 20.15 14.00 18.68
N LYS A 137 20.88 14.93 18.10
CA LYS A 137 22.35 14.85 18.17
C LYS A 137 22.94 14.91 19.63
N GLU A 138 22.23 15.52 20.58
CA GLU A 138 22.71 15.75 21.93
C GLU A 138 22.23 14.64 22.84
N LEU A 139 21.00 14.19 22.56
CA LEU A 139 20.34 13.07 23.21
C LEU A 139 21.20 11.81 23.07
N ALA A 140 21.65 11.58 21.83
CA ALA A 140 22.40 10.42 21.41
C ALA A 140 23.68 10.34 22.19
N ALA A 141 24.18 11.54 22.33
CA ALA A 141 25.46 11.89 22.89
C ALA A 141 25.44 11.92 24.40
N THR A 142 24.33 12.45 24.95
CA THR A 142 24.07 12.40 26.38
C THR A 142 23.83 10.94 26.79
N ASN A 143 23.21 10.14 25.91
CA ASN A 143 22.98 8.74 26.23
C ASN A 143 23.55 7.60 25.32
N PRO A 144 24.73 7.04 25.66
CA PRO A 144 25.28 5.82 25.01
C PRO A 144 24.32 4.69 24.67
N SER A 145 23.36 4.40 25.55
CA SER A 145 22.39 3.29 25.37
C SER A 145 21.61 3.40 24.03
N TRP A 146 21.46 4.66 23.63
CA TRP A 146 20.67 5.11 22.49
C TRP A 146 21.54 5.21 21.28
N VAL A 147 21.19 4.41 20.30
CA VAL A 147 21.88 4.33 19.02
C VAL A 147 21.13 5.24 18.02
N MET A 148 21.72 6.38 17.72
CA MET A 148 21.13 7.24 16.72
C MET A 148 21.63 6.73 15.41
N LEU A 149 20.69 6.45 14.53
CA LEU A 149 21.07 5.88 13.23
C LEU A 149 21.40 7.01 12.26
N TYR A 150 20.65 8.11 12.36
CA TYR A 150 20.93 9.31 11.61
C TYR A 150 20.74 9.13 10.09
N GLN A 151 19.50 9.25 9.62
CA GLN A 151 19.22 8.98 8.23
C GLN A 151 19.98 9.84 7.26
N TYR A 152 20.29 11.05 7.67
CA TYR A 152 20.92 12.00 6.78
C TYR A 152 22.41 11.76 6.58
N GLY A 153 22.98 10.87 7.36
CA GLY A 153 24.38 10.69 7.28
C GLY A 153 24.72 9.24 7.32
N ASN A 154 23.79 8.38 7.61
CA ASN A 154 24.19 6.99 7.70
C ASN A 154 24.40 6.48 6.25
N PRO A 155 25.65 6.15 5.86
CA PRO A 155 25.95 5.53 4.56
C PRO A 155 25.05 4.33 4.26
N ALA A 156 24.48 3.70 5.29
CA ALA A 156 23.71 2.50 5.09
C ALA A 156 22.45 2.85 4.36
N ASN A 157 22.09 4.13 4.45
CA ASN A 157 20.92 4.69 3.78
C ASN A 157 21.20 4.60 2.33
N THR A 158 22.24 5.31 1.91
CA THR A 158 22.67 5.27 0.54
C THR A 158 22.82 3.82 0.21
N ASP A 159 23.49 3.07 1.06
CA ASP A 159 23.75 1.70 0.72
C ASP A 159 22.54 0.90 0.40
N SER A 160 21.41 1.23 1.00
CA SER A 160 20.24 0.45 0.79
C SER A 160 19.76 0.58 -0.64
N HIS A 161 20.02 1.71 -1.26
CA HIS A 161 19.66 1.88 -2.65
C HIS A 161 20.73 1.35 -3.59
N TYR A 162 21.97 1.48 -3.18
CA TYR A 162 23.04 0.89 -3.92
C TYR A 162 22.86 -0.60 -3.97
N CYS A 163 22.20 -1.15 -2.98
CA CYS A 163 22.04 -2.58 -2.94
C CYS A 163 20.65 -3.07 -3.14
N GLY A 164 19.67 -2.19 -3.25
CA GLY A 164 18.35 -2.68 -3.50
C GLY A 164 17.76 -1.99 -4.68
N THR A 165 17.39 -0.73 -4.46
CA THR A 165 16.74 0.03 -5.49
C THR A 165 17.51 -0.06 -6.78
N GLY A 166 18.78 0.31 -6.76
CA GLY A 166 19.62 0.32 -7.94
C GLY A 166 19.53 -1.02 -8.68
N PRO A 167 20.09 -2.07 -8.09
CA PRO A 167 20.03 -3.35 -8.71
C PRO A 167 18.65 -3.71 -9.17
N GLU A 168 17.63 -3.51 -8.34
CA GLU A 168 16.32 -3.93 -8.75
C GLU A 168 15.96 -3.25 -10.03
N LEU A 169 16.33 -1.97 -10.11
CA LEU A 169 16.04 -1.16 -11.29
C LEU A 169 16.73 -1.69 -12.50
N LEU A 170 18.03 -1.91 -12.35
CA LEU A 170 18.86 -2.39 -13.44
C LEU A 170 18.35 -3.74 -13.93
N ALA A 171 17.92 -4.58 -13.01
CA ALA A 171 17.40 -5.87 -13.36
C ALA A 171 16.13 -5.75 -14.16
N ASP A 172 15.23 -4.85 -13.75
CA ASP A 172 13.94 -4.73 -14.41
C ASP A 172 14.04 -3.84 -15.65
N LEU A 173 15.07 -3.04 -15.73
CA LEU A 173 15.09 -2.05 -16.76
C LEU A 173 16.50 -1.91 -17.24
N PRO A 174 17.08 -2.97 -17.81
CA PRO A 174 18.46 -2.79 -18.19
C PRO A 174 18.59 -1.64 -19.17
N GLU A 175 17.54 -1.28 -19.83
CA GLU A 175 17.73 -0.32 -20.86
C GLU A 175 17.47 1.10 -20.30
N ILE A 176 17.56 1.23 -18.99
CA ILE A 176 17.26 2.52 -18.33
C ILE A 176 18.14 3.66 -18.86
N THR A 177 17.60 4.84 -18.97
CA THR A 177 18.43 5.93 -19.41
C THR A 177 18.45 7.01 -18.34
N HIS A 178 17.46 6.95 -17.48
CA HIS A 178 17.22 8.02 -16.56
C HIS A 178 16.66 7.49 -15.28
N PHE A 179 17.29 7.87 -14.21
CA PHE A 179 16.71 7.66 -12.95
C PHE A 179 16.39 9.01 -12.33
N VAL A 180 15.13 9.15 -11.92
CA VAL A 180 14.55 10.34 -11.32
C VAL A 180 13.99 9.92 -9.98
N ALA A 181 14.41 10.63 -8.95
CA ALA A 181 13.99 10.32 -7.61
C ALA A 181 14.03 11.61 -6.88
N GLY A 182 13.20 11.73 -5.85
CA GLY A 182 13.28 12.89 -4.97
C GLY A 182 14.59 12.90 -4.23
N LEU A 183 14.88 14.04 -3.67
CA LEU A 183 16.13 14.28 -2.96
C LEU A 183 15.72 14.84 -1.62
N GLY A 184 15.72 14.03 -0.58
CA GLY A 184 15.58 14.56 0.75
C GLY A 184 16.85 14.28 1.53
N THR A 185 16.93 13.07 2.08
CA THR A 185 18.10 12.51 2.70
C THR A 185 19.18 12.38 1.67
N THR A 186 18.76 12.03 0.45
CA THR A 186 19.67 11.94 -0.68
C THR A 186 20.08 10.48 -1.02
N GLY A 187 19.86 9.58 -0.05
CA GLY A 187 20.22 8.21 -0.16
C GLY A 187 19.78 7.59 -1.46
N THR A 188 18.55 7.88 -1.88
CA THR A 188 18.01 7.22 -3.08
C THR A 188 18.80 7.60 -4.30
N LEU A 189 19.02 8.88 -4.49
CA LEU A 189 19.73 9.32 -5.66
C LEU A 189 21.18 8.93 -5.53
N MET A 190 21.75 9.07 -4.33
CA MET A 190 23.16 8.72 -4.16
C MET A 190 23.32 7.26 -4.32
N GLY A 191 22.42 6.49 -3.72
CA GLY A 191 22.60 5.04 -3.67
C GLY A 191 22.23 4.42 -4.98
N THR A 192 20.98 4.65 -5.38
CA THR A 192 20.57 4.12 -6.64
C THR A 192 21.42 4.77 -7.73
N GLY A 193 21.63 6.08 -7.58
CA GLY A 193 22.52 6.86 -8.45
C GLY A 193 23.84 6.21 -8.72
N ARG A 194 24.64 5.96 -7.68
CA ARG A 194 26.00 5.39 -7.80
C ARG A 194 25.93 4.06 -8.49
N PHE A 195 24.91 3.29 -8.16
CA PHE A 195 24.78 1.99 -8.70
C PHE A 195 24.63 2.13 -10.17
N LEU A 196 23.65 2.91 -10.61
CA LEU A 196 23.32 2.94 -12.00
C LEU A 196 24.49 3.47 -12.79
N ARG A 197 25.21 4.45 -12.24
CA ARG A 197 26.32 5.05 -12.97
C ARG A 197 27.41 4.04 -13.15
N GLU A 198 27.54 3.11 -12.22
CA GLU A 198 28.57 2.10 -12.32
C GLU A 198 28.22 1.08 -13.37
N HIS A 199 26.97 0.96 -13.75
CA HIS A 199 26.57 -0.19 -14.55
C HIS A 199 26.00 0.12 -15.91
N VAL A 200 25.50 1.32 -16.09
CA VAL A 200 24.97 1.68 -17.38
C VAL A 200 25.55 3.02 -17.72
N ALA A 201 26.19 3.10 -18.89
CA ALA A 201 26.99 4.28 -19.23
C ALA A 201 26.02 5.33 -19.69
N ASN A 202 26.32 6.57 -19.37
CA ASN A 202 25.49 7.71 -19.78
C ASN A 202 24.06 7.69 -19.21
N VAL A 203 23.79 6.84 -18.23
CA VAL A 203 22.54 6.93 -17.49
C VAL A 203 22.49 8.31 -16.89
N ALA A 204 21.31 8.93 -16.88
CA ALA A 204 21.08 10.17 -16.22
C ALA A 204 20.53 9.87 -14.81
N ILE A 205 21.10 10.52 -13.79
CA ILE A 205 20.56 10.44 -12.45
C ILE A 205 20.03 11.79 -12.17
N VAL A 206 18.71 11.87 -12.13
CA VAL A 206 18.03 13.14 -12.08
C VAL A 206 17.45 13.37 -10.71
N ALA A 207 17.79 14.49 -10.11
CA ALA A 207 17.25 14.82 -8.77
C ALA A 207 15.99 15.65 -8.92
N ALA A 208 14.89 15.19 -8.34
CA ALA A 208 13.68 16.03 -8.17
C ALA A 208 13.78 16.73 -6.81
N GLU A 209 14.14 18.02 -6.80
CA GLU A 209 14.14 18.76 -5.52
C GLU A 209 12.89 19.64 -5.43
N PRO A 210 12.07 19.39 -4.43
CA PRO A 210 10.89 20.19 -4.21
C PRO A 210 11.23 21.51 -3.64
N ARG A 211 11.80 22.46 -4.42
CA ARG A 211 11.57 23.92 -4.17
C ARG A 211 10.14 24.19 -3.60
N VAL A 227 23.21 20.94 2.90
CA VAL A 227 24.01 19.89 2.25
C VAL A 227 23.95 18.54 2.98
N PRO A 228 23.22 17.58 2.41
CA PRO A 228 22.92 16.32 3.05
C PRO A 228 24.26 15.69 3.28
N GLU A 229 24.50 15.16 4.48
CA GLU A 229 25.74 14.47 4.78
C GLU A 229 26.01 13.32 3.81
N LEU A 230 24.97 12.77 3.22
CA LEU A 230 25.14 11.67 2.30
C LEU A 230 25.35 12.13 0.85
N TYR A 231 25.26 13.42 0.64
CA TYR A 231 25.27 13.92 -0.68
C TYR A 231 26.62 13.78 -1.29
N ASP A 232 26.60 13.35 -2.53
CA ASP A 232 27.76 13.36 -3.35
C ASP A 232 27.42 14.14 -4.64
N PRO A 233 28.23 15.19 -4.92
CA PRO A 233 27.97 16.10 -6.03
C PRO A 233 28.21 15.40 -7.35
N GLU A 234 29.19 14.50 -7.40
CA GLU A 234 29.48 13.80 -8.64
C GLU A 234 28.61 12.65 -9.04
N ILE A 235 27.39 12.58 -8.57
CA ILE A 235 26.56 11.48 -8.89
C ILE A 235 25.40 12.05 -9.71
N LEU A 236 24.75 13.10 -9.25
CA LEU A 236 23.58 13.61 -9.97
C LEU A 236 24.01 14.24 -11.26
N THR A 237 23.15 14.09 -12.23
CA THR A 237 23.43 14.41 -13.57
C THR A 237 22.64 15.63 -13.78
N ALA A 238 21.57 15.79 -13.00
CA ALA A 238 20.61 16.87 -13.21
C ALA A 238 19.80 17.03 -11.99
N ARG A 239 19.26 18.21 -11.82
CA ARG A 239 18.50 18.45 -10.65
C ARG A 239 17.43 19.43 -11.12
N TYR A 240 16.23 18.90 -11.19
CA TYR A 240 15.00 19.68 -11.44
C TYR A 240 14.53 20.26 -10.12
N SER A 241 14.36 21.57 -10.07
CA SER A 241 13.67 22.12 -8.92
C SER A 241 12.16 22.10 -9.23
N VAL A 242 11.34 21.61 -8.32
CA VAL A 242 9.90 21.47 -8.59
C VAL A 242 9.03 22.25 -7.62
N GLY A 243 8.04 22.97 -8.15
CA GLY A 243 7.26 23.84 -7.29
C GLY A 243 6.27 22.93 -6.67
N ALA A 244 5.68 23.36 -5.55
CA ALA A 244 4.70 22.53 -4.89
C ALA A 244 3.48 22.33 -5.82
N VAL A 245 3.09 23.37 -6.54
CA VAL A 245 1.96 23.23 -7.49
C VAL A 245 2.21 22.19 -8.57
N ASP A 246 3.39 22.18 -9.15
CA ASP A 246 3.65 21.19 -10.14
C ASP A 246 3.57 19.81 -9.51
N ALA A 247 4.13 19.65 -8.32
CA ALA A 247 4.12 18.38 -7.63
C ALA A 247 2.69 17.93 -7.52
N VAL A 248 1.82 18.77 -6.95
CA VAL A 248 0.48 18.24 -6.69
C VAL A 248 -0.19 17.94 -8.02
N ARG A 249 -0.08 18.85 -8.98
CA ARG A 249 -0.74 18.58 -10.23
C ARG A 249 -0.25 17.31 -10.88
N ARG A 250 1.06 17.05 -10.84
CA ARG A 250 1.63 15.80 -11.32
C ARG A 250 1.12 14.58 -10.55
N THR A 251 1.12 14.67 -9.22
CA THR A 251 0.54 13.63 -8.38
C THR A 251 -0.89 13.37 -8.82
N ARG A 252 -1.66 14.44 -9.01
CA ARG A 252 -3.04 14.35 -9.43
C ARG A 252 -3.12 13.67 -10.76
N GLU A 253 -2.20 14.03 -11.64
CA GLU A 253 -2.23 13.48 -12.98
C GLU A 253 -1.90 11.98 -12.93
N LEU A 254 -0.89 11.64 -12.13
CA LEU A 254 -0.47 10.30 -12.03
C LEU A 254 -1.64 9.38 -11.65
N VAL A 255 -2.38 9.69 -10.60
CA VAL A 255 -3.42 8.80 -10.15
C VAL A 255 -4.57 8.83 -11.15
N HIS A 256 -4.91 10.04 -11.57
CA HIS A 256 -5.95 10.21 -12.55
C HIS A 256 -5.61 9.45 -13.83
N THR A 257 -4.38 9.57 -14.32
CA THR A 257 -4.04 8.97 -15.59
C THR A 257 -3.60 7.55 -15.54
N GLU A 258 -2.86 7.21 -14.49
CA GLU A 258 -2.15 5.98 -14.44
C GLU A 258 -2.57 5.10 -13.30
N GLY A 259 -3.46 5.61 -12.46
CA GLY A 259 -4.09 4.82 -11.45
C GLY A 259 -3.19 4.59 -10.25
N ILE A 260 -2.11 5.32 -10.19
CA ILE A 260 -1.20 5.12 -9.11
C ILE A 260 -1.42 6.29 -8.27
N PHE A 261 -1.58 6.06 -6.97
CA PHE A 261 -1.84 7.15 -6.03
C PHE A 261 -0.58 7.39 -5.20
N ALA A 262 0.24 8.34 -5.66
CA ALA A 262 1.55 8.60 -5.08
C ALA A 262 1.48 9.76 -4.15
N GLY A 263 2.37 9.80 -3.16
CA GLY A 263 2.43 10.94 -2.29
C GLY A 263 3.07 12.09 -3.01
N ILE A 264 3.15 13.23 -2.35
CA ILE A 264 3.43 14.47 -3.03
C ILE A 264 4.79 14.52 -3.65
N SER A 265 5.77 13.99 -2.95
CA SER A 265 7.12 13.98 -3.45
C SER A 265 7.20 13.28 -4.80
N THR A 266 6.25 12.43 -5.11
CA THR A 266 6.29 11.77 -6.38
C THR A 266 5.88 12.74 -7.42
N GLY A 267 5.07 13.72 -7.04
CA GLY A 267 4.68 14.74 -7.98
C GLY A 267 5.94 15.44 -8.49
N ALA A 268 6.83 15.73 -7.54
CA ALA A 268 8.06 16.38 -7.86
C ALA A 268 8.77 15.55 -8.91
N VAL A 269 8.84 14.26 -8.60
CA VAL A 269 9.60 13.33 -9.40
C VAL A 269 8.97 13.21 -10.79
N LEU A 270 7.65 13.20 -10.81
CA LEU A 270 6.97 12.97 -12.02
C LEU A 270 7.32 14.18 -12.84
N HIS A 271 7.18 15.32 -12.23
CA HIS A 271 7.43 16.54 -12.94
C HIS A 271 8.83 16.50 -13.59
N ALA A 272 9.83 16.10 -12.82
CA ALA A 272 11.18 16.01 -13.33
C ALA A 272 11.23 14.97 -14.46
N ALA A 273 10.61 13.81 -14.23
CA ALA A 273 10.64 12.73 -15.16
C ALA A 273 9.99 13.15 -16.43
N LEU A 274 8.94 13.93 -16.31
CA LEU A 274 8.16 14.34 -17.41
C LEU A 274 8.95 15.37 -18.17
N GLY A 275 9.72 16.19 -17.44
CA GLY A 275 10.56 17.20 -18.03
C GLY A 275 11.59 16.44 -18.85
N VAL A 276 12.40 15.68 -18.15
CA VAL A 276 13.37 14.86 -18.80
C VAL A 276 12.77 14.08 -20.00
N GLY A 277 11.57 13.53 -19.81
CA GLY A 277 10.75 12.90 -20.86
C GLY A 277 10.57 13.80 -22.06
N ALA A 278 10.21 15.04 -21.79
CA ALA A 278 9.84 15.96 -22.81
C ALA A 278 11.05 16.36 -23.63
N GLY A 279 12.18 16.55 -22.98
CA GLY A 279 13.43 16.83 -23.63
C GLY A 279 13.79 15.67 -24.55
N ALA A 280 13.82 14.46 -24.02
CA ALA A 280 14.15 13.30 -24.86
C ALA A 280 13.22 13.14 -26.07
N LEU A 281 11.92 13.36 -25.87
CA LEU A 281 10.95 13.33 -26.95
C LEU A 281 11.41 14.38 -27.94
N ALA A 282 11.49 15.63 -27.50
CA ALA A 282 11.89 16.71 -28.39
C ALA A 282 13.20 16.37 -29.13
N ALA A 283 14.15 15.74 -28.45
CA ALA A 283 15.45 15.44 -29.04
C ALA A 283 15.42 14.16 -29.87
N GLY A 284 14.24 13.55 -30.03
CA GLY A 284 14.14 12.28 -30.72
C GLY A 284 15.04 11.18 -30.17
N GLU A 285 15.47 11.31 -28.92
CA GLU A 285 16.24 10.26 -28.25
C GLU A 285 15.29 9.29 -27.59
N ARG A 286 15.78 8.07 -27.37
CA ARG A 286 15.03 7.05 -26.69
C ARG A 286 15.22 7.27 -25.22
N ALA A 287 14.17 7.10 -24.43
CA ALA A 287 14.35 7.25 -22.98
C ALA A 287 13.56 6.24 -22.27
N ASP A 288 14.23 5.44 -21.47
CA ASP A 288 13.52 4.69 -20.45
C ASP A 288 13.86 5.32 -19.12
N ILE A 289 12.89 6.10 -18.64
CA ILE A 289 13.10 6.87 -17.41
C ILE A 289 12.41 6.10 -16.27
N ALA A 290 13.17 5.76 -15.24
CA ALA A 290 12.61 5.12 -14.07
C ALA A 290 12.41 6.21 -13.11
N LEU A 291 11.27 6.31 -12.51
CA LEU A 291 11.13 7.36 -11.55
C LEU A 291 10.58 6.79 -10.28
N VAL A 292 10.96 7.37 -9.13
CA VAL A 292 10.64 6.70 -7.85
C VAL A 292 9.32 7.15 -7.37
N VAL A 293 8.45 6.23 -7.03
CA VAL A 293 7.24 6.58 -6.28
C VAL A 293 7.60 6.21 -4.86
N ALA A 294 8.21 7.17 -4.19
CA ALA A 294 8.64 6.95 -2.83
C ALA A 294 7.50 6.53 -1.89
N ASP A 295 6.26 6.95 -2.16
CA ASP A 295 5.20 6.65 -1.24
C ASP A 295 3.78 6.90 -1.77
N ALA A 296 2.76 6.43 -1.05
CA ALA A 296 1.41 6.52 -1.55
C ALA A 296 0.82 7.86 -1.13
N GLY A 297 -0.31 8.23 -1.73
CA GLY A 297 -0.97 9.46 -1.45
C GLY A 297 -1.74 9.33 -0.18
N TRP A 298 -2.12 8.10 0.14
CA TRP A 298 -2.88 7.78 1.35
C TRP A 298 -2.52 8.66 2.53
N LYS A 299 -1.22 8.73 2.88
CA LYS A 299 -0.79 9.58 3.99
C LYS A 299 -1.12 11.05 3.77
N TYR A 300 -1.17 11.47 2.50
CA TYR A 300 -1.30 12.87 2.17
C TYR A 300 -2.73 13.39 1.99
N LEU A 301 -3.72 12.51 1.89
CA LEU A 301 -5.16 12.91 1.79
C LEU A 301 -5.64 14.09 2.67
N SER A 302 -5.51 13.88 3.99
CA SER A 302 -5.66 14.87 5.04
C SER A 302 -5.11 16.23 4.61
N THR A 303 -4.02 16.27 3.87
CA THR A 303 -3.47 17.57 3.45
C THR A 303 -4.44 18.35 2.60
N GLY A 304 -5.46 17.67 2.07
CA GLY A 304 -6.34 18.25 1.07
C GLY A 304 -5.71 18.43 -0.31
N ALA A 305 -4.46 18.01 -0.48
CA ALA A 305 -3.71 18.31 -1.71
C ALA A 305 -4.25 17.70 -2.99
N TYR A 306 -4.96 16.62 -2.87
CA TYR A 306 -5.42 15.91 -4.07
C TYR A 306 -6.77 16.41 -4.57
N ALA A 307 -7.56 16.93 -3.63
CA ALA A 307 -8.83 17.60 -3.90
C ALA A 307 -8.63 19.11 -3.90
N GLY A 308 -9.23 19.79 -4.87
CA GLY A 308 -9.49 21.24 -4.78
C GLY A 308 -8.58 22.11 -5.60
N SER A 309 -8.49 23.38 -5.20
CA SER A 309 -7.66 24.35 -5.91
C SER A 309 -6.21 23.92 -5.87
N LEU A 310 -5.47 24.16 -6.94
CA LEU A 310 -4.05 23.88 -6.86
C LEU A 310 -3.47 24.81 -5.80
N ASP A 311 -4.21 25.88 -5.46
CA ASP A 311 -3.78 26.80 -4.40
C ASP A 311 -3.68 26.16 -3.01
N ASP A 312 -2.42 25.79 -2.75
CA ASP A 312 -2.03 24.96 -1.59
C ASP A 312 -1.00 25.49 -0.63
N ALA A 313 -1.46 26.54 0.03
CA ALA A 313 -1.22 26.76 1.43
C ALA A 313 -1.25 25.37 2.16
N GLU A 314 -0.47 24.40 1.66
CA GLU A 314 -0.22 23.11 2.36
C GLU A 314 1.03 22.30 1.90
N MET B 1 11.52 -9.59 -14.21
CA MET B 1 11.49 -10.06 -12.79
C MET B 1 10.20 -9.59 -12.08
N THR B 2 10.14 -8.28 -11.78
CA THR B 2 8.95 -7.53 -11.28
C THR B 2 8.92 -6.22 -12.06
N ARG B 3 8.92 -6.33 -13.41
CA ARG B 3 8.69 -5.17 -14.29
C ARG B 3 7.35 -5.28 -14.98
N TYR B 4 6.53 -4.23 -14.96
CA TYR B 4 5.18 -4.31 -15.52
C TYR B 4 4.87 -3.22 -16.54
N ASP B 5 4.21 -3.56 -17.62
CA ASP B 5 3.82 -2.55 -18.59
C ASP B 5 2.67 -1.74 -17.98
N SER B 6 1.85 -2.38 -17.15
CA SER B 6 0.80 -1.62 -16.53
C SER B 6 0.65 -2.01 -15.08
N LEU B 7 0.16 -1.07 -14.28
CA LEU B 7 -0.18 -1.28 -12.89
C LEU B 7 -0.98 -2.54 -12.76
N LEU B 8 -1.77 -2.84 -13.80
CA LEU B 8 -2.69 -3.99 -13.74
C LEU B 8 -1.96 -5.29 -13.65
N GLN B 9 -0.71 -5.30 -14.11
CA GLN B 9 0.02 -6.53 -14.00
C GLN B 9 0.56 -6.70 -12.60
N ALA B 10 0.60 -5.63 -11.83
CA ALA B 10 1.15 -5.68 -10.48
C ALA B 10 0.03 -5.95 -9.51
N LEU B 11 -0.84 -6.88 -9.88
CA LEU B 11 -2.03 -7.17 -9.17
C LEU B 11 -1.86 -8.56 -8.63
N GLY B 12 -2.35 -8.75 -7.40
CA GLY B 12 -2.21 -9.98 -6.69
C GLY B 12 -0.74 -10.29 -6.47
N ASN B 13 -0.42 -11.58 -6.46
CA ASN B 13 0.83 -12.06 -5.88
C ASN B 13 1.24 -11.20 -4.71
N THR B 14 0.25 -10.92 -3.85
CA THR B 14 0.45 -10.14 -2.65
C THR B 14 1.28 -10.97 -1.68
N PRO B 15 2.12 -10.32 -0.89
CA PRO B 15 2.89 -11.10 0.04
C PRO B 15 2.02 -11.71 1.15
N LEU B 16 2.42 -12.91 1.62
CA LEU B 16 1.79 -13.54 2.77
C LEU B 16 2.83 -13.46 3.87
N VAL B 17 2.55 -12.74 4.94
CA VAL B 17 3.55 -12.63 5.96
C VAL B 17 3.08 -13.17 7.30
N GLY B 18 3.94 -13.98 7.89
CA GLY B 18 3.74 -14.54 9.20
C GLY B 18 3.71 -13.40 10.16
N LEU B 19 2.82 -13.52 11.15
CA LEU B 19 2.77 -12.62 12.27
C LEU B 19 3.35 -13.32 13.48
N GLN B 20 4.66 -13.36 13.54
CA GLN B 20 5.35 -14.10 14.55
C GLN B 20 5.09 -13.58 15.94
N ARG B 21 5.01 -12.27 16.13
CA ARG B 21 4.67 -11.81 17.46
C ARG B 21 3.20 -12.01 17.83
N LEU B 22 2.29 -11.89 16.88
CA LEU B 22 0.86 -11.96 17.17
C LEU B 22 0.32 -13.36 17.19
N SER B 23 0.96 -14.26 16.43
CA SER B 23 0.61 -15.67 16.50
C SER B 23 0.54 -16.20 17.92
N PRO B 24 -0.56 -16.88 18.23
CA PRO B 24 -0.67 -17.64 19.46
C PRO B 24 0.58 -18.46 19.76
N ARG B 25 1.18 -19.08 18.76
CA ARG B 25 2.44 -19.79 18.94
C ARG B 25 3.14 -19.97 17.62
N TRP B 26 4.14 -19.16 17.37
CA TRP B 26 4.83 -19.21 16.14
C TRP B 26 5.64 -20.49 15.99
N ASP B 27 6.38 -20.84 17.03
CA ASP B 27 7.32 -21.97 17.04
C ASP B 27 6.64 -23.19 17.62
N ASP B 28 6.74 -24.33 16.93
CA ASP B 28 6.24 -25.59 17.47
C ASP B 28 7.05 -25.85 18.71
N GLY B 29 6.40 -26.26 19.78
CA GLY B 29 7.14 -26.52 21.01
C GLY B 29 6.92 -27.98 21.29
N ARG B 30 7.89 -28.68 21.87
CA ARG B 30 7.62 -30.09 22.14
C ARG B 30 6.36 -30.28 22.99
N ASP B 31 5.95 -29.24 23.73
CA ASP B 31 4.62 -29.19 24.35
C ASP B 31 3.59 -29.09 23.24
N GLY B 32 3.24 -27.88 22.80
CA GLY B 32 2.26 -27.82 21.71
C GLY B 32 2.74 -27.44 20.30
N PRO B 33 2.00 -27.85 19.26
CA PRO B 33 2.20 -27.41 17.89
C PRO B 33 1.95 -25.93 17.66
N HIS B 34 2.65 -25.34 16.70
CA HIS B 34 2.51 -23.92 16.36
C HIS B 34 1.11 -23.55 15.92
N VAL B 35 0.75 -22.32 16.21
CA VAL B 35 -0.48 -21.78 15.73
C VAL B 35 -0.15 -20.42 15.12
N ARG B 36 -0.05 -20.44 13.80
CA ARG B 36 0.49 -19.33 13.07
C ARG B 36 -0.56 -18.55 12.37
N LEU B 37 -0.46 -17.23 12.52
CA LEU B 37 -1.20 -16.28 11.69
C LEU B 37 -0.26 -15.85 10.60
N TRP B 38 -0.78 -15.89 9.40
CA TRP B 38 -0.18 -15.35 8.21
C TRP B 38 -1.12 -14.37 7.59
N ALA B 39 -0.62 -13.18 7.36
CA ALA B 39 -1.41 -12.12 6.85
C ALA B 39 -1.17 -12.00 5.34
N LYS B 40 -2.23 -12.17 4.59
CA LYS B 40 -2.17 -11.94 3.17
C LYS B 40 -2.34 -10.45 2.90
N LEU B 41 -1.23 -9.79 2.62
CA LEU B 41 -1.17 -8.34 2.42
C LEU B 41 -1.78 -7.81 1.13
N GLU B 42 -3.10 -7.69 1.11
CA GLU B 42 -3.83 -7.31 -0.10
C GLU B 42 -3.72 -5.82 -0.42
N ASP B 43 -3.17 -5.10 0.54
CA ASP B 43 -3.01 -3.67 0.41
C ASP B 43 -1.83 -3.38 -0.53
N ARG B 44 -1.04 -4.41 -0.79
CA ARG B 44 0.04 -4.33 -1.78
C ARG B 44 -0.49 -4.43 -3.21
N ASN B 45 -1.75 -4.12 -3.41
CA ASN B 45 -2.31 -4.12 -4.74
C ASN B 45 -2.34 -2.72 -5.23
N PRO B 46 -2.45 -2.53 -6.56
CA PRO B 46 -2.50 -1.24 -7.26
C PRO B 46 -3.14 -0.11 -6.46
N THR B 47 -4.42 -0.21 -6.15
CA THR B 47 -5.07 0.81 -5.35
C THR B 47 -4.89 0.62 -3.85
N GLY B 48 -4.15 -0.43 -3.46
CA GLY B 48 -3.98 -0.73 -2.04
C GLY B 48 -5.13 -1.44 -1.33
N SER B 49 -5.87 -2.28 -2.03
CA SER B 49 -6.96 -3.01 -1.42
C SER B 49 -7.25 -4.24 -2.24
N ILE B 50 -7.72 -5.28 -1.57
CA ILE B 50 -8.06 -6.52 -2.20
C ILE B 50 -8.93 -6.29 -3.44
N LYS B 51 -9.74 -5.25 -3.42
CA LYS B 51 -10.73 -5.07 -4.44
C LYS B 51 -10.19 -5.05 -5.86
N ASP B 52 -8.89 -4.84 -6.01
CA ASP B 52 -8.30 -4.67 -7.29
C ASP B 52 -8.47 -5.99 -7.96
N ARG B 53 -8.50 -7.07 -7.18
CA ARG B 53 -8.75 -8.34 -7.78
C ARG B 53 -10.17 -8.46 -8.33
N PRO B 54 -11.20 -8.30 -7.51
CA PRO B 54 -12.43 -8.49 -8.25
C PRO B 54 -12.72 -7.38 -9.26
N ALA B 55 -12.23 -6.16 -9.04
CA ALA B 55 -12.44 -5.07 -9.95
C ALA B 55 -11.98 -5.43 -11.37
N VAL B 56 -10.76 -5.93 -11.45
CA VAL B 56 -10.15 -6.25 -12.69
C VAL B 56 -10.89 -7.40 -13.25
N ARG B 57 -11.03 -8.42 -12.43
CA ARG B 57 -11.73 -9.61 -12.84
C ARG B 57 -13.11 -9.25 -13.39
N MET B 58 -13.87 -8.48 -12.63
CA MET B 58 -15.20 -8.12 -13.04
C MET B 58 -15.20 -7.44 -14.41
N ILE B 59 -14.27 -6.53 -14.63
CA ILE B 59 -14.14 -5.90 -15.91
C ILE B 59 -13.76 -6.91 -16.97
N GLU B 60 -12.75 -7.73 -16.74
CA GLU B 60 -12.27 -8.61 -17.80
C GLU B 60 -13.32 -9.66 -18.08
N GLN B 61 -14.10 -9.99 -17.08
CA GLN B 61 -15.17 -10.94 -17.30
C GLN B 61 -16.28 -10.31 -18.12
N ALA B 62 -16.56 -9.03 -17.90
CA ALA B 62 -17.50 -8.30 -18.69
C ALA B 62 -16.97 -8.10 -20.13
N GLU B 63 -15.68 -7.78 -20.27
CA GLU B 63 -15.03 -7.83 -21.56
C GLU B 63 -15.37 -9.17 -22.19
N ALA B 64 -15.11 -10.24 -21.47
CA ALA B 64 -15.32 -11.60 -21.94
C ALA B 64 -16.77 -11.90 -22.31
N ASP B 65 -17.71 -11.50 -21.48
CA ASP B 65 -19.12 -11.73 -21.77
C ASP B 65 -19.61 -10.79 -22.86
N GLY B 66 -18.68 -10.05 -23.45
CA GLY B 66 -19.01 -9.08 -24.47
C GLY B 66 -19.93 -7.99 -23.95
N LEU B 67 -19.97 -7.80 -22.65
CA LEU B 67 -20.78 -6.72 -22.12
C LEU B 67 -20.15 -5.36 -22.33
N LEU B 68 -18.86 -5.32 -22.59
CA LEU B 68 -18.12 -4.14 -22.31
C LEU B 68 -17.20 -3.85 -23.45
N ARG B 69 -17.70 -3.04 -24.41
CA ARG B 69 -16.95 -2.65 -25.61
C ARG B 69 -16.05 -1.45 -25.25
N PRO B 70 -15.01 -1.11 -26.09
CA PRO B 70 -14.01 -0.04 -25.76
C PRO B 70 -14.65 1.32 -25.41
N GLY B 71 -14.09 2.04 -24.43
CA GLY B 71 -14.71 3.31 -23.94
C GLY B 71 -16.18 3.26 -23.48
N ALA B 72 -16.75 2.06 -23.32
CA ALA B 72 -17.98 1.93 -22.55
C ALA B 72 -17.82 2.48 -21.12
N THR B 73 -18.93 2.73 -20.44
CA THR B 73 -18.85 3.15 -19.05
C THR B 73 -19.29 2.06 -18.10
N ILE B 74 -18.46 1.87 -17.08
CA ILE B 74 -18.77 1.00 -15.99
C ILE B 74 -19.59 1.83 -15.02
N LEU B 75 -20.74 1.31 -14.64
CA LEU B 75 -21.55 1.97 -13.65
C LEU B 75 -21.53 1.08 -12.44
N GLU B 76 -20.97 1.55 -11.32
CA GLU B 76 -20.95 0.77 -10.09
C GLU B 76 -21.49 1.50 -8.89
N PRO B 77 -22.45 0.90 -8.16
CA PRO B 77 -22.93 1.54 -6.94
C PRO B 77 -21.97 1.24 -5.83
N THR B 78 -20.99 2.11 -5.67
CA THR B 78 -19.96 1.93 -4.69
C THR B 78 -19.37 3.30 -4.35
N SER B 79 -18.81 3.42 -3.15
CA SER B 79 -18.12 4.62 -2.80
C SER B 79 -16.76 4.30 -2.15
N GLY B 80 -16.47 3.01 -1.97
CA GLY B 80 -15.25 2.57 -1.30
C GLY B 80 -14.29 1.88 -2.22
N ASN B 81 -13.59 0.88 -1.67
CA ASN B 81 -12.42 0.23 -2.28
C ASN B 81 -12.69 -0.24 -3.70
N THR B 82 -13.89 -0.77 -3.90
CA THR B 82 -14.26 -1.32 -5.18
C THR B 82 -14.33 -0.21 -6.19
N GLY B 83 -14.85 0.92 -5.77
CA GLY B 83 -14.82 2.11 -6.59
C GLY B 83 -13.43 2.49 -6.97
N ILE B 84 -12.55 2.56 -5.98
CA ILE B 84 -11.19 2.99 -6.20
C ILE B 84 -10.63 2.01 -7.16
N SER B 85 -10.87 0.73 -6.90
CA SER B 85 -10.23 -0.30 -7.66
C SER B 85 -10.64 -0.19 -9.07
N LEU B 86 -11.95 -0.14 -9.26
CA LEU B 86 -12.55 0.04 -10.56
C LEU B 86 -12.05 1.28 -11.22
N ALA B 87 -12.03 2.38 -10.49
CA ALA B 87 -11.60 3.63 -11.06
C ALA B 87 -10.22 3.37 -11.64
N MET B 88 -9.32 2.83 -10.86
CA MET B 88 -8.05 2.48 -11.40
C MET B 88 -8.20 1.49 -12.56
N ALA B 89 -8.86 0.38 -12.32
CA ALA B 89 -8.97 -0.67 -13.31
C ALA B 89 -9.66 -0.23 -14.59
N ALA B 90 -10.78 0.49 -14.51
CA ALA B 90 -11.52 0.92 -15.70
C ALA B 90 -10.67 1.81 -16.57
N ARG B 91 -10.16 2.87 -15.99
CA ARG B 91 -9.29 3.78 -16.70
C ARG B 91 -8.16 3.01 -17.35
N LEU B 92 -7.41 2.24 -16.58
CA LEU B 92 -6.31 1.53 -17.20
C LEU B 92 -6.75 0.67 -18.35
N LYS B 93 -7.90 0.05 -18.19
CA LYS B 93 -8.49 -0.73 -19.22
C LYS B 93 -9.25 0.10 -20.28
N GLY B 94 -9.15 1.44 -20.25
CA GLY B 94 -9.73 2.28 -21.30
C GLY B 94 -11.22 2.44 -21.14
N TYR B 95 -11.73 2.14 -19.95
CA TYR B 95 -13.15 2.39 -19.67
C TYR B 95 -13.34 3.61 -18.78
N ARG B 96 -14.58 4.02 -18.63
CA ARG B 96 -14.86 5.13 -17.76
C ARG B 96 -15.64 4.52 -16.62
N LEU B 97 -15.53 5.13 -15.45
CA LEU B 97 -16.25 4.67 -14.31
C LEU B 97 -17.12 5.74 -13.75
N ILE B 98 -18.39 5.42 -13.59
CA ILE B 98 -19.29 6.19 -12.78
C ILE B 98 -19.63 5.41 -11.53
N CYS B 99 -19.45 6.04 -10.39
CA CYS B 99 -19.87 5.44 -9.16
C CYS B 99 -21.16 6.07 -8.76
N VAL B 100 -22.14 5.24 -8.49
CA VAL B 100 -23.38 5.75 -7.95
C VAL B 100 -23.34 5.58 -6.46
N MET B 101 -23.50 6.68 -5.75
CA MET B 101 -23.47 6.65 -4.30
C MET B 101 -24.44 7.71 -3.77
N PRO B 102 -24.97 7.47 -2.57
CA PRO B 102 -25.76 8.51 -1.91
C PRO B 102 -25.12 9.92 -1.91
N GLU B 103 -25.96 10.93 -2.16
CA GLU B 103 -25.69 12.34 -1.87
C GLU B 103 -25.08 12.51 -0.49
N ASN B 104 -25.46 11.66 0.48
CA ASN B 104 -24.90 11.67 1.82
C ASN B 104 -23.41 11.34 1.89
N THR B 105 -22.83 10.68 0.89
CA THR B 105 -21.49 10.12 1.15
C THR B 105 -20.42 11.18 1.36
N SER B 106 -19.47 10.84 2.25
CA SER B 106 -18.40 11.74 2.73
C SER B 106 -17.60 12.33 1.58
N VAL B 107 -17.39 13.66 1.59
CA VAL B 107 -16.46 14.28 0.61
C VAL B 107 -15.23 13.37 0.43
N GLU B 108 -14.65 12.91 1.55
CA GLU B 108 -13.40 12.13 1.57
C GLU B 108 -13.46 11.01 0.53
N ARG B 109 -14.46 10.15 0.72
CA ARG B 109 -14.71 9.06 -0.20
C ARG B 109 -14.91 9.48 -1.61
N ARG B 110 -15.79 10.45 -1.83
CA ARG B 110 -16.07 10.93 -3.17
C ARG B 110 -14.88 11.65 -3.76
N GLN B 111 -14.18 12.44 -2.93
CA GLN B 111 -13.06 13.25 -3.43
C GLN B 111 -12.02 12.25 -3.91
N LEU B 112 -11.96 11.13 -3.22
CA LEU B 112 -11.03 10.06 -3.55
C LEU B 112 -11.30 9.38 -4.86
N LEU B 113 -12.52 8.93 -5.03
CA LEU B 113 -12.98 8.42 -6.30
C LEU B 113 -12.73 9.39 -7.43
N GLU B 114 -13.12 10.63 -7.21
CA GLU B 114 -12.98 11.68 -8.17
C GLU B 114 -11.54 11.72 -8.63
N LEU B 115 -10.61 11.58 -7.69
CA LEU B 115 -9.20 11.71 -8.00
C LEU B 115 -8.68 10.54 -8.81
N TYR B 116 -9.29 9.38 -8.62
CA TYR B 116 -8.93 8.21 -9.44
C TYR B 116 -9.54 8.22 -10.83
N GLY B 117 -10.38 9.20 -11.11
CA GLY B 117 -11.01 9.34 -12.40
C GLY B 117 -12.49 9.04 -12.42
N ALA B 118 -13.04 8.54 -11.32
CA ALA B 118 -14.44 8.14 -11.34
C ALA B 118 -15.29 9.37 -11.54
N GLN B 119 -16.38 9.17 -12.26
CA GLN B 119 -17.43 10.15 -12.37
C GLN B 119 -18.40 9.74 -11.26
N ILE B 120 -19.03 10.71 -10.63
CA ILE B 120 -19.98 10.39 -9.57
C ILE B 120 -21.39 10.84 -9.90
N ILE B 121 -22.33 9.94 -9.68
CA ILE B 121 -23.72 10.25 -9.71
C ILE B 121 -24.23 9.93 -8.31
N PHE B 122 -25.05 10.80 -7.74
CA PHE B 122 -25.54 10.51 -6.41
C PHE B 122 -26.93 9.88 -6.39
N SER B 123 -27.12 8.90 -5.49
CA SER B 123 -28.40 8.27 -5.18
C SER B 123 -29.13 9.19 -4.16
N ALA B 124 -29.56 8.73 -2.98
CA ALA B 124 -30.44 9.60 -2.19
C ALA B 124 -30.51 9.46 -0.65
N ALA B 125 -31.66 8.93 -0.19
CA ALA B 125 -32.11 8.95 1.21
C ALA B 125 -31.18 8.12 2.07
N SER B 129 -27.38 2.92 1.14
CA SER B 129 -26.51 2.38 0.11
C SER B 129 -27.36 1.56 -0.85
N ASN B 130 -28.37 0.94 -0.28
CA ASN B 130 -29.33 0.19 -1.06
C ASN B 130 -29.97 0.98 -2.22
N THR B 131 -30.54 2.14 -1.95
CA THR B 131 -31.10 2.90 -3.09
C THR B 131 -30.05 3.22 -4.15
N ALA B 132 -28.77 3.29 -3.78
CA ALA B 132 -27.69 3.46 -4.78
C ALA B 132 -27.68 2.31 -5.75
N VAL B 133 -27.77 1.08 -5.29
CA VAL B 133 -27.81 -0.03 -6.22
C VAL B 133 -28.91 0.10 -7.30
N ALA B 134 -30.16 0.31 -6.89
CA ALA B 134 -31.27 0.38 -7.84
C ALA B 134 -31.01 1.44 -8.89
N THR B 135 -30.51 2.59 -8.45
CA THR B 135 -30.25 3.73 -9.32
C THR B 135 -29.17 3.37 -10.29
N ALA B 136 -28.07 2.78 -9.82
CA ALA B 136 -27.00 2.34 -10.71
C ALA B 136 -27.53 1.37 -11.72
N LYS B 137 -28.30 0.40 -11.24
CA LYS B 137 -28.93 -0.63 -12.05
C LYS B 137 -29.95 -0.01 -13.02
N GLU B 138 -30.94 0.74 -12.47
CA GLU B 138 -32.02 1.36 -13.28
C GLU B 138 -31.30 2.27 -14.21
N LEU B 139 -30.24 2.88 -13.72
CA LEU B 139 -29.42 3.73 -14.58
C LEU B 139 -28.69 2.90 -15.61
N ALA B 140 -28.22 1.73 -15.25
CA ALA B 140 -27.56 0.89 -16.27
C ALA B 140 -28.57 0.15 -17.17
N ALA B 141 -29.80 -0.10 -16.70
CA ALA B 141 -30.80 -0.70 -17.59
C ALA B 141 -31.45 0.38 -18.47
N THR B 142 -30.63 1.14 -19.19
CA THR B 142 -31.13 2.41 -19.76
C THR B 142 -30.16 2.92 -20.76
N ASN B 143 -28.88 2.95 -20.41
CA ASN B 143 -27.88 3.07 -21.47
C ASN B 143 -27.22 1.73 -21.79
N PRO B 144 -27.39 1.23 -23.03
CA PRO B 144 -26.76 -0.04 -23.45
C PRO B 144 -25.24 0.01 -23.29
N SER B 145 -24.70 1.22 -23.24
CA SER B 145 -23.27 1.43 -23.06
C SER B 145 -22.85 1.62 -21.58
N TRP B 146 -23.83 1.62 -20.67
CA TRP B 146 -23.51 1.68 -19.27
C TRP B 146 -23.68 0.31 -18.67
N VAL B 147 -22.56 -0.26 -18.27
CA VAL B 147 -22.55 -1.61 -17.79
C VAL B 147 -22.34 -1.59 -16.29
N MET B 148 -23.32 -2.08 -15.56
CA MET B 148 -23.18 -2.19 -14.12
C MET B 148 -22.48 -3.48 -13.83
N LEU B 149 -21.35 -3.40 -13.11
CA LEU B 149 -20.64 -4.63 -12.82
C LEU B 149 -21.25 -5.39 -11.65
N TYR B 150 -21.74 -4.63 -10.67
CA TYR B 150 -22.44 -5.14 -9.54
C TYR B 150 -21.66 -6.09 -8.69
N GLN B 151 -20.81 -5.55 -7.81
CA GLN B 151 -19.83 -6.40 -7.09
C GLN B 151 -20.51 -7.43 -6.21
N TYR B 152 -21.73 -7.13 -5.84
CA TYR B 152 -22.44 -7.97 -4.89
C TYR B 152 -22.95 -9.23 -5.54
N GLY B 153 -22.94 -9.28 -6.85
CA GLY B 153 -23.47 -10.44 -7.45
C GLY B 153 -22.62 -10.93 -8.57
N ASN B 154 -21.59 -10.20 -8.92
CA ASN B 154 -20.90 -10.56 -10.11
C ASN B 154 -19.97 -11.71 -9.74
N PRO B 155 -20.23 -12.92 -10.31
CA PRO B 155 -19.42 -14.08 -10.08
C PRO B 155 -17.94 -13.86 -10.27
N ALA B 156 -17.55 -12.85 -11.04
CA ALA B 156 -16.14 -12.61 -11.37
C ALA B 156 -15.46 -12.15 -10.15
N ASN B 157 -16.22 -11.53 -9.27
CA ASN B 157 -15.72 -11.08 -8.00
C ASN B 157 -15.24 -12.30 -7.21
N THR B 158 -16.16 -13.20 -6.84
CA THR B 158 -15.81 -14.51 -6.33
C THR B 158 -14.70 -15.15 -7.15
N ASP B 159 -14.81 -15.08 -8.46
CA ASP B 159 -13.87 -15.76 -9.28
C ASP B 159 -12.47 -15.20 -9.18
N SER B 160 -12.34 -13.93 -8.87
CA SER B 160 -11.03 -13.35 -8.78
C SER B 160 -10.29 -13.90 -7.57
N HIS B 161 -11.00 -14.41 -6.58
CA HIS B 161 -10.34 -15.04 -5.43
C HIS B 161 -10.19 -16.51 -5.62
N TYR B 162 -11.15 -17.11 -6.32
CA TYR B 162 -11.03 -18.48 -6.70
C TYR B 162 -9.80 -18.61 -7.57
N CYS B 163 -9.47 -17.58 -8.32
CA CYS B 163 -8.37 -17.68 -9.24
C CYS B 163 -7.13 -16.94 -8.84
N GLY B 164 -7.21 -16.16 -7.79
CA GLY B 164 -6.05 -15.41 -7.42
C GLY B 164 -5.75 -15.70 -6.00
N THR B 165 -6.58 -15.14 -5.14
CA THR B 165 -6.31 -15.13 -3.73
C THR B 165 -6.17 -16.51 -3.20
N GLY B 166 -7.05 -17.42 -3.62
CA GLY B 166 -7.10 -18.80 -3.19
C GLY B 166 -5.83 -19.46 -3.66
N PRO B 167 -5.61 -19.57 -4.98
CA PRO B 167 -4.34 -20.18 -5.40
C PRO B 167 -3.12 -19.58 -4.72
N GLU B 168 -3.06 -18.29 -4.52
CA GLU B 168 -1.84 -17.71 -4.08
C GLU B 168 -1.53 -18.19 -2.71
N LEU B 169 -2.59 -18.37 -1.95
CA LEU B 169 -2.51 -18.72 -0.57
C LEU B 169 -2.01 -20.08 -0.49
N LEU B 170 -2.66 -20.98 -1.20
CA LEU B 170 -2.29 -22.34 -1.17
C LEU B 170 -0.84 -22.52 -1.62
N ALA B 171 -0.37 -21.67 -2.52
CA ALA B 171 0.95 -21.79 -3.02
C ALA B 171 1.87 -21.39 -1.91
N ASP B 172 1.47 -20.40 -1.16
CA ASP B 172 2.33 -19.88 -0.11
C ASP B 172 2.18 -20.59 1.21
N LEU B 173 1.07 -21.25 1.40
CA LEU B 173 0.78 -21.86 2.65
C LEU B 173 0.10 -23.13 2.36
N PRO B 174 0.77 -24.08 1.72
CA PRO B 174 0.11 -25.36 1.54
C PRO B 174 -0.38 -25.98 2.87
N GLU B 175 0.24 -25.63 3.98
CA GLU B 175 -0.19 -26.09 5.31
C GLU B 175 -1.39 -25.39 5.88
N ILE B 176 -2.05 -24.55 5.08
CA ILE B 176 -3.10 -23.67 5.60
C ILE B 176 -4.15 -24.49 6.27
N THR B 177 -4.60 -24.02 7.41
CA THR B 177 -5.67 -24.70 8.05
C THR B 177 -6.92 -23.83 8.11
N HIS B 178 -6.72 -22.51 8.01
CA HIS B 178 -7.79 -21.59 8.28
C HIS B 178 -7.65 -20.46 7.36
N PHE B 179 -8.75 -20.06 6.77
CA PHE B 179 -8.77 -18.86 6.05
C PHE B 179 -9.69 -17.94 6.77
N VAL B 180 -9.20 -16.81 7.19
CA VAL B 180 -10.03 -15.76 7.73
C VAL B 180 -10.05 -14.53 6.82
N ALA B 181 -11.23 -14.01 6.56
CA ALA B 181 -11.43 -12.81 5.74
C ALA B 181 -12.68 -12.12 6.18
N GLY B 182 -12.76 -10.86 5.81
CA GLY B 182 -13.95 -10.11 6.06
C GLY B 182 -15.00 -10.54 5.09
N LEU B 183 -16.22 -10.24 5.48
CA LEU B 183 -17.38 -10.55 4.69
C LEU B 183 -18.02 -9.20 4.35
N GLY B 184 -17.79 -8.70 3.14
CA GLY B 184 -18.55 -7.57 2.61
C GLY B 184 -19.37 -8.01 1.41
N THR B 185 -18.77 -7.97 0.25
CA THR B 185 -19.46 -8.47 -0.90
C THR B 185 -19.46 -9.97 -0.87
N THR B 186 -18.46 -10.53 -0.17
CA THR B 186 -18.43 -11.98 0.07
C THR B 186 -17.51 -12.71 -0.91
N GLY B 187 -17.10 -11.97 -1.93
CA GLY B 187 -16.22 -12.50 -2.93
C GLY B 187 -15.06 -13.24 -2.32
N THR B 188 -14.30 -12.56 -1.50
CA THR B 188 -13.09 -13.17 -0.93
C THR B 188 -13.30 -14.50 -0.27
N LEU B 189 -14.16 -14.57 0.74
CA LEU B 189 -14.54 -15.85 1.37
C LEU B 189 -15.16 -16.83 0.43
N MET B 190 -16.01 -16.35 -0.47
CA MET B 190 -16.59 -17.28 -1.40
C MET B 190 -15.56 -17.86 -2.32
N GLY B 191 -14.74 -16.99 -2.86
CA GLY B 191 -13.81 -17.39 -3.87
C GLY B 191 -12.64 -18.08 -3.23
N THR B 192 -12.02 -17.43 -2.26
CA THR B 192 -10.87 -18.13 -1.78
C THR B 192 -11.35 -19.30 -0.96
N GLY B 193 -12.53 -19.14 -0.38
CA GLY B 193 -13.19 -20.18 0.36
C GLY B 193 -13.37 -21.41 -0.47
N ARG B 194 -13.96 -21.28 -1.64
CA ARG B 194 -14.25 -22.41 -2.50
C ARG B 194 -12.95 -23.08 -2.99
N PHE B 195 -11.96 -22.26 -3.24
CA PHE B 195 -10.76 -22.74 -3.75
C PHE B 195 -10.15 -23.64 -2.69
N LEU B 196 -10.04 -23.11 -1.48
CA LEU B 196 -9.31 -23.79 -0.44
C LEU B 196 -10.03 -25.03 -0.05
N ARG B 197 -11.35 -24.93 0.10
CA ARG B 197 -12.15 -26.09 0.35
C ARG B 197 -11.92 -27.16 -0.68
N GLU B 198 -11.68 -26.78 -1.91
CA GLU B 198 -11.50 -27.80 -2.94
C GLU B 198 -10.11 -28.43 -2.95
N HIS B 199 -9.12 -27.79 -2.33
CA HIS B 199 -7.77 -28.24 -2.46
C HIS B 199 -7.12 -28.59 -1.17
N VAL B 200 -7.69 -28.18 -0.06
CA VAL B 200 -7.12 -28.63 1.20
C VAL B 200 -8.28 -29.16 2.07
N ALA B 201 -8.14 -30.37 2.62
CA ALA B 201 -9.27 -30.99 3.32
C ALA B 201 -9.32 -30.32 4.67
N ASN B 202 -10.51 -30.19 5.22
CA ASN B 202 -10.62 -29.65 6.60
C ASN B 202 -10.27 -28.20 6.75
N VAL B 203 -9.83 -27.55 5.67
CA VAL B 203 -9.51 -26.16 5.78
C VAL B 203 -10.73 -25.50 6.37
N ALA B 204 -10.55 -24.55 7.25
CA ALA B 204 -11.66 -23.78 7.78
C ALA B 204 -11.76 -22.42 7.10
N ILE B 205 -12.94 -22.07 6.60
CA ILE B 205 -13.13 -20.76 6.07
C ILE B 205 -13.94 -19.96 7.08
N VAL B 206 -13.32 -18.95 7.65
CA VAL B 206 -13.88 -18.26 8.75
C VAL B 206 -14.14 -16.84 8.35
N ALA B 207 -15.42 -16.48 8.45
CA ALA B 207 -15.82 -15.14 8.09
C ALA B 207 -15.69 -14.24 9.33
N ALA B 208 -15.03 -13.10 9.17
CA ALA B 208 -15.08 -12.04 10.18
C ALA B 208 -16.21 -11.15 9.74
N GLU B 209 -17.14 -11.01 10.66
CA GLU B 209 -18.39 -10.35 10.38
C GLU B 209 -18.63 -9.34 11.50
N PRO B 210 -18.83 -8.05 11.18
CA PRO B 210 -19.15 -7.04 12.20
C PRO B 210 -20.33 -7.57 12.92
N ARG B 211 -20.38 -7.29 14.20
CA ARG B 211 -21.59 -7.50 14.94
C ARG B 211 -22.68 -6.59 14.37
N TYR B 212 -23.94 -7.06 14.50
CA TYR B 212 -25.07 -6.28 14.05
C TYR B 212 -25.03 -4.96 14.80
N GLY B 213 -25.22 -3.88 14.05
CA GLY B 213 -25.10 -2.54 14.64
C GLY B 213 -23.69 -2.00 14.49
N GLU B 214 -22.67 -2.76 14.77
CA GLU B 214 -21.34 -2.18 14.77
C GLU B 214 -20.96 -2.12 13.31
N GLY B 215 -20.81 -0.89 12.75
CA GLY B 215 -20.31 -0.81 11.41
C GLY B 215 -18.83 -1.21 11.46
N VAL B 216 -18.35 -1.96 10.45
CA VAL B 216 -16.89 -2.11 10.32
C VAL B 216 -16.61 -1.84 8.86
N TYR B 217 -15.76 -0.83 8.57
CA TYR B 217 -15.64 -0.43 7.15
C TYR B 217 -15.37 -1.59 6.28
N ALA B 218 -16.11 -1.70 5.18
CA ALA B 218 -15.80 -2.72 4.20
C ALA B 218 -16.60 -3.96 4.47
N LEU B 219 -16.82 -4.25 5.74
CA LEU B 219 -17.52 -5.43 6.20
C LEU B 219 -18.98 -5.17 6.42
N ARG B 220 -19.79 -6.21 6.27
CA ARG B 220 -21.25 -6.18 6.31
C ARG B 220 -21.58 -7.36 7.15
N ASN B 221 -22.60 -7.23 7.96
CA ASN B 221 -23.12 -8.36 8.69
C ASN B 221 -24.26 -9.00 7.86
N MET B 222 -24.27 -10.32 7.68
CA MET B 222 -25.23 -10.95 6.76
C MET B 222 -26.70 -10.84 7.14
N ASP B 223 -26.94 -10.56 8.41
CA ASP B 223 -28.27 -10.37 8.91
C ASP B 223 -28.67 -8.94 8.78
N GLU B 224 -27.72 -8.03 8.60
CA GLU B 224 -28.06 -6.63 8.64
C GLU B 224 -28.74 -6.20 7.33
N GLY B 225 -27.98 -6.06 6.25
CA GLY B 225 -28.62 -5.65 5.04
C GLY B 225 -28.99 -6.85 4.21
N PHE B 226 -29.25 -6.55 2.96
CA PHE B 226 -29.31 -7.50 1.87
C PHE B 226 -28.18 -8.54 1.99
N VAL B 227 -28.48 -9.86 1.95
CA VAL B 227 -27.43 -10.89 1.82
C VAL B 227 -26.89 -10.75 0.38
N PRO B 228 -25.60 -10.50 0.24
CA PRO B 228 -25.13 -10.47 -1.12
C PRO B 228 -25.37 -11.71 -1.97
N GLU B 229 -25.73 -11.45 -3.21
CA GLU B 229 -26.04 -12.54 -4.13
C GLU B 229 -24.91 -13.56 -4.25
N LEU B 230 -23.67 -13.14 -4.00
CA LEU B 230 -22.51 -14.01 -4.15
C LEU B 230 -22.34 -15.00 -3.02
N TYR B 231 -23.11 -14.80 -1.96
CA TYR B 231 -22.89 -15.45 -0.73
C TYR B 231 -23.39 -16.86 -0.79
N ASP B 232 -22.55 -17.79 -0.40
CA ASP B 232 -22.89 -19.18 -0.30
C ASP B 232 -22.57 -19.61 1.11
N PRO B 233 -23.61 -19.81 1.92
CA PRO B 233 -23.39 -20.24 3.30
C PRO B 233 -22.59 -21.52 3.35
N GLU B 234 -22.87 -22.50 2.51
CA GLU B 234 -22.17 -23.75 2.66
C GLU B 234 -20.62 -23.60 2.71
N ILE B 235 -20.07 -22.59 2.03
CA ILE B 235 -18.61 -22.35 1.94
C ILE B 235 -17.97 -22.05 3.30
N LEU B 236 -18.60 -21.20 4.08
CA LEU B 236 -18.03 -20.74 5.35
C LEU B 236 -18.05 -21.82 6.34
N THR B 237 -17.01 -21.94 7.12
CA THR B 237 -16.94 -22.93 8.14
C THR B 237 -17.49 -22.35 9.40
N ALA B 238 -17.33 -21.04 9.57
CA ALA B 238 -17.76 -20.34 10.75
C ALA B 238 -17.73 -18.89 10.42
N ARG B 239 -18.56 -18.16 11.15
CA ARG B 239 -18.66 -16.72 11.13
C ARG B 239 -18.35 -16.23 12.52
N TYR B 240 -17.25 -15.50 12.69
CA TYR B 240 -16.91 -14.83 13.91
C TYR B 240 -17.55 -13.42 13.88
N SER B 241 -18.53 -13.15 14.75
CA SER B 241 -19.05 -11.78 14.99
C SER B 241 -17.92 -10.95 15.60
N VAL B 242 -17.75 -9.70 15.20
CA VAL B 242 -16.67 -8.87 15.71
C VAL B 242 -17.21 -7.47 15.92
N GLY B 243 -16.99 -6.94 17.11
CA GLY B 243 -17.47 -5.60 17.49
C GLY B 243 -16.53 -4.63 16.84
N ALA B 244 -16.95 -3.37 16.70
CA ALA B 244 -16.11 -2.32 16.12
C ALA B 244 -14.88 -2.12 17.00
N VAL B 245 -15.07 -2.17 18.33
CA VAL B 245 -13.96 -1.91 19.21
C VAL B 245 -12.90 -3.00 19.06
N ASP B 246 -13.29 -4.25 18.90
CA ASP B 246 -12.28 -5.28 18.75
C ASP B 246 -11.61 -5.04 17.43
N ALA B 247 -12.35 -4.67 16.41
CA ALA B 247 -11.69 -4.52 15.14
C ALA B 247 -10.66 -3.45 15.23
N VAL B 248 -10.96 -2.33 15.91
CA VAL B 248 -10.03 -1.24 15.94
C VAL B 248 -8.87 -1.58 16.82
N ARG B 249 -9.15 -2.23 17.94
CA ARG B 249 -8.10 -2.55 18.87
C ARG B 249 -7.20 -3.56 18.20
N ARG B 250 -7.77 -4.45 17.42
CA ARG B 250 -6.95 -5.39 16.66
C ARG B 250 -6.08 -4.76 15.56
N THR B 251 -6.63 -3.77 14.88
CA THR B 251 -5.89 -3.02 13.89
C THR B 251 -4.79 -2.27 14.54
N ARG B 252 -5.06 -1.66 15.69
CA ARG B 252 -3.99 -1.07 16.49
C ARG B 252 -2.95 -2.08 16.95
N GLU B 253 -3.36 -3.29 17.34
CA GLU B 253 -2.41 -4.28 17.83
C GLU B 253 -1.56 -4.73 16.70
N LEU B 254 -2.16 -4.88 15.52
CA LEU B 254 -1.48 -5.40 14.34
C LEU B 254 -0.33 -4.52 13.96
N VAL B 255 -0.60 -3.24 13.81
CA VAL B 255 0.46 -2.31 13.50
C VAL B 255 1.50 -2.21 14.62
N HIS B 256 0.99 -2.16 15.86
CA HIS B 256 1.87 -2.03 16.98
C HIS B 256 2.75 -3.24 17.13
N THR B 257 2.21 -4.42 16.94
CA THR B 257 2.96 -5.64 17.22
C THR B 257 3.69 -6.16 15.97
N GLU B 258 3.13 -5.93 14.78
CA GLU B 258 3.61 -6.61 13.60
C GLU B 258 4.07 -5.64 12.57
N GLY B 259 3.82 -4.36 12.85
CA GLY B 259 4.17 -3.27 11.96
C GLY B 259 3.34 -3.17 10.72
N ILE B 260 2.23 -3.90 10.71
CA ILE B 260 1.34 -3.90 9.60
C ILE B 260 0.18 -2.95 9.84
N PHE B 261 0.07 -1.93 9.00
CA PHE B 261 -0.91 -0.91 9.20
C PHE B 261 -2.13 -1.21 8.35
N ALA B 262 -3.12 -1.86 8.92
CA ALA B 262 -4.19 -2.39 8.10
C ALA B 262 -5.41 -1.63 8.33
N GLY B 263 -6.35 -1.74 7.42
CA GLY B 263 -7.57 -1.00 7.56
C GLY B 263 -8.38 -1.66 8.64
N ILE B 264 -9.46 -1.02 9.04
CA ILE B 264 -10.25 -1.58 10.10
C ILE B 264 -10.81 -2.96 9.82
N SER B 265 -11.21 -3.26 8.59
CA SER B 265 -11.74 -4.58 8.32
C SER B 265 -10.73 -5.62 8.67
N THR B 266 -9.45 -5.28 8.60
CA THR B 266 -8.47 -6.29 8.98
C THR B 266 -8.55 -6.59 10.43
N GLY B 267 -8.76 -5.59 11.27
CA GLY B 267 -8.88 -5.82 12.68
C GLY B 267 -9.98 -6.82 12.96
N ALA B 268 -11.05 -6.77 12.19
CA ALA B 268 -12.12 -7.67 12.45
C ALA B 268 -11.58 -9.06 12.14
N VAL B 269 -10.86 -9.15 11.04
CA VAL B 269 -10.27 -10.38 10.59
C VAL B 269 -9.24 -10.91 11.55
N LEU B 270 -8.42 -10.01 12.08
CA LEU B 270 -7.41 -10.38 13.03
C LEU B 270 -8.12 -10.94 14.24
N HIS B 271 -9.11 -10.23 14.74
CA HIS B 271 -9.84 -10.69 15.85
C HIS B 271 -10.39 -12.11 15.59
N ALA B 272 -10.89 -12.35 14.41
CA ALA B 272 -11.42 -13.66 14.11
C ALA B 272 -10.29 -14.65 14.11
N ALA B 273 -9.22 -14.26 13.43
CA ALA B 273 -8.06 -15.11 13.25
C ALA B 273 -7.51 -15.45 14.62
N LEU B 274 -7.51 -14.47 15.52
CA LEU B 274 -6.87 -14.64 16.80
C LEU B 274 -7.74 -15.52 17.64
N GLY B 275 -9.05 -15.33 17.59
CA GLY B 275 -9.95 -16.21 18.24
C GLY B 275 -9.70 -17.58 17.73
N VAL B 276 -9.79 -17.79 16.45
CA VAL B 276 -9.59 -19.11 15.92
C VAL B 276 -8.23 -19.68 16.35
N GLY B 277 -7.21 -18.85 16.28
CA GLY B 277 -5.89 -19.15 16.79
C GLY B 277 -5.86 -19.62 18.23
N ALA B 278 -6.56 -18.90 19.11
CA ALA B 278 -6.60 -19.21 20.51
C ALA B 278 -7.35 -20.53 20.83
N GLY B 279 -8.29 -20.92 19.97
CA GLY B 279 -8.98 -22.18 20.11
C GLY B 279 -8.06 -23.33 19.71
N ALA B 280 -7.39 -23.20 18.57
CA ALA B 280 -6.34 -24.15 18.20
C ALA B 280 -5.25 -24.29 19.29
N LEU B 281 -4.77 -23.17 19.81
CA LEU B 281 -3.77 -23.20 20.84
C LEU B 281 -4.33 -23.99 21.98
N ALA B 282 -5.42 -23.53 22.54
CA ALA B 282 -6.06 -24.23 23.63
C ALA B 282 -6.27 -25.71 23.29
N ALA B 283 -6.72 -26.06 22.10
CA ALA B 283 -6.94 -27.46 21.79
C ALA B 283 -5.69 -28.24 21.46
N GLY B 284 -4.53 -27.58 21.48
CA GLY B 284 -3.26 -28.22 21.09
C GLY B 284 -3.16 -28.59 19.63
N GLU B 285 -4.01 -27.99 18.80
CA GLU B 285 -4.05 -28.26 17.38
C GLU B 285 -3.02 -27.34 16.74
N ARG B 286 -2.43 -27.81 15.65
CA ARG B 286 -1.58 -26.99 14.84
C ARG B 286 -2.47 -26.11 13.95
N ALA B 287 -2.18 -24.82 13.89
CA ALA B 287 -2.94 -23.95 13.00
C ALA B 287 -2.01 -23.11 12.16
N ASP B 288 -2.27 -23.10 10.86
CA ASP B 288 -1.76 -22.07 9.98
C ASP B 288 -2.94 -21.26 9.45
N ILE B 289 -3.10 -20.07 10.00
CA ILE B 289 -4.28 -19.31 9.77
C ILE B 289 -3.88 -18.20 8.84
N ALA B 290 -4.41 -18.17 7.64
CA ALA B 290 -4.11 -17.06 6.76
C ALA B 290 -5.28 -16.14 6.91
N LEU B 291 -5.01 -14.86 6.98
CA LEU B 291 -6.06 -13.95 7.23
C LEU B 291 -5.79 -12.82 6.29
N VAL B 292 -6.86 -12.24 5.75
CA VAL B 292 -6.74 -11.23 4.73
C VAL B 292 -6.56 -9.86 5.36
N VAL B 293 -5.57 -9.15 4.87
CA VAL B 293 -5.37 -7.74 5.20
C VAL B 293 -5.91 -7.03 3.99
N ALA B 294 -7.21 -6.73 4.00
CA ALA B 294 -7.86 -6.28 2.76
C ALA B 294 -7.34 -4.95 2.30
N ASP B 295 -6.92 -4.09 3.21
CA ASP B 295 -6.37 -2.77 2.85
C ASP B 295 -5.61 -2.13 3.99
N ALA B 296 -4.94 -1.02 3.70
CA ALA B 296 -4.11 -0.42 4.72
C ALA B 296 -4.86 0.59 5.55
N GLY B 297 -4.20 1.04 6.61
CA GLY B 297 -4.80 1.92 7.58
C GLY B 297 -4.89 3.30 7.02
N TRP B 298 -4.00 3.59 6.08
CA TRP B 298 -3.89 4.91 5.48
C TRP B 298 -5.20 5.62 5.17
N LYS B 299 -6.12 4.96 4.49
CA LYS B 299 -7.42 5.59 4.30
C LYS B 299 -8.16 5.81 5.58
N TYR B 300 -7.87 5.08 6.64
CA TYR B 300 -8.76 5.28 7.78
C TYR B 300 -8.30 6.22 8.84
N LEU B 301 -7.12 6.84 8.67
CA LEU B 301 -6.56 7.77 9.66
C LEU B 301 -7.54 8.88 10.07
N SER B 302 -7.90 9.67 9.07
CA SER B 302 -9.05 10.56 9.05
C SER B 302 -10.22 10.14 9.97
N THR B 303 -10.54 8.85 9.98
CA THR B 303 -11.51 8.27 10.91
C THR B 303 -11.22 8.49 12.38
N GLY B 304 -9.99 8.87 12.75
CA GLY B 304 -9.64 8.94 14.17
C GLY B 304 -9.59 7.58 14.89
N ALA B 305 -9.83 6.50 14.13
CA ALA B 305 -9.79 5.12 14.66
C ALA B 305 -8.42 4.72 15.17
N TYR B 306 -7.40 5.48 14.81
CA TYR B 306 -6.13 5.17 15.38
C TYR B 306 -5.59 6.16 16.44
N ALA B 307 -6.45 6.99 17.06
CA ALA B 307 -6.14 7.75 18.32
C ALA B 307 -7.20 7.53 19.44
N GLY B 308 -6.81 7.06 20.66
CA GLY B 308 -7.70 6.93 21.89
C GLY B 308 -8.74 5.82 22.30
N SER B 309 -8.75 4.66 21.63
CA SER B 309 -9.75 3.48 21.70
C SER B 309 -11.22 3.56 22.11
N LEU B 310 -11.64 4.57 22.84
CA LEU B 310 -13.09 4.72 22.85
C LEU B 310 -13.29 5.87 21.91
N ASP B 311 -14.32 5.75 21.11
CA ASP B 311 -14.51 6.60 19.94
C ASP B 311 -15.25 5.63 19.07
N ASP B 312 -16.45 5.30 19.59
CA ASP B 312 -17.49 4.68 18.80
C ASP B 312 -16.92 3.35 18.25
#